data_3QFT
#
_entry.id   3QFT
#
_cell.length_a   54.800
_cell.length_b   58.624
_cell.length_c   130.198
_cell.angle_alpha   90.00
_cell.angle_beta   90.00
_cell.angle_gamma   90.00
#
_symmetry.space_group_name_H-M   'P 21 21 21'
#
loop_
_entity.id
_entity.type
_entity.pdbx_description
1 polymer 'NADPH--cytochrome P450 reductase'
2 non-polymer 'FLAVIN-ADENINE DINUCLEOTIDE'
3 non-polymer 'NADP NICOTINAMIDE-ADENINE-DINUCLEOTIDE PHOSPHATE'
4 water water
#
_entity_poly.entity_id   1
_entity_poly.type   'polypeptide(L)'
_entity_poly.pdbx_seq_one_letter_code
;MGSSHHHHHHSSGLVPRGSHMSIRQYELVVHTDIDAAKVYMGEMGRLKSYENQKPPFDAKNPFLAAVTTNRKLNQGTERH
LMHLELDISDSKIRYESGDHVAVYPANDSALVNQLGKILGADLDVVMSLNNLDEESNKKHPFPCPTSYRTALTYYLDITN
PPRTNVLYELAQYASEPSEQELLRKMASSSGEGKELYLSWVVEARRHILAILQDCPSLRPPIDHLCELLPRLQAHYYSIA
SSSKVHPNSVHICAVVVEYETKAGRINKGVATNWLRAKEPVGENGGRALVPMFVRKSQFRLPFKATTPVIMVGPGTGVAP
FIGFIQERAWLRQQGKEVGETLLYYGCRRSDEDYLYREELAQFHRDGALTQLNVAFSREQSHKVYVQHLLKQDREHLWKL
IEGGAHIYVCGDARNMARDVQNTFYDIVAELGAMEHAQAVDYIKKLMTKGRYSLDVWS
;
_entity_poly.pdbx_strand_id   A
#
# COMPACT_ATOMS: atom_id res chain seq x y z
N ARG A 24 33.10 -6.81 2.43
CA ARG A 24 31.80 -6.31 1.91
C ARG A 24 31.66 -6.51 0.40
N GLN A 25 30.45 -6.31 -0.11
CA GLN A 25 30.17 -6.54 -1.53
C GLN A 25 30.50 -5.39 -2.49
N TYR A 26 30.48 -4.16 -2.00
CA TYR A 26 30.76 -3.02 -2.85
C TYR A 26 31.90 -2.16 -2.36
N GLU A 27 32.52 -1.42 -3.28
CA GLU A 27 33.58 -0.51 -2.93
C GLU A 27 33.06 0.89 -3.23
N LEU A 28 33.46 1.84 -2.40
CA LEU A 28 33.03 3.22 -2.53
C LEU A 28 33.91 4.04 -3.47
N VAL A 29 33.27 4.75 -4.38
CA VAL A 29 33.98 5.62 -5.30
C VAL A 29 33.30 6.99 -5.18
N VAL A 30 33.97 7.92 -4.53
CA VAL A 30 33.43 9.26 -4.33
C VAL A 30 33.66 10.09 -5.59
N HIS A 31 32.62 10.78 -6.04
CA HIS A 31 32.69 11.63 -7.22
C HIS A 31 32.60 13.08 -6.75
N THR A 32 33.75 13.68 -6.47
CA THR A 32 33.81 15.04 -5.98
C THR A 32 33.69 16.12 -7.07
N ASP A 33 33.73 15.71 -8.33
CA ASP A 33 33.66 16.65 -9.44
C ASP A 33 32.79 16.17 -10.59
N ILE A 34 31.63 15.62 -10.28
CA ILE A 34 30.74 15.08 -11.31
C ILE A 34 29.72 16.06 -11.89
N ASP A 35 29.45 15.92 -13.18
CA ASP A 35 28.47 16.76 -13.88
C ASP A 35 27.08 16.44 -13.34
N ALA A 36 26.29 17.47 -13.06
CA ALA A 36 24.94 17.27 -12.52
C ALA A 36 24.08 16.34 -13.38
N ALA A 37 24.21 16.46 -14.70
CA ALA A 37 23.42 15.66 -15.63
C ALA A 37 23.69 14.16 -15.53
N LYS A 38 24.76 13.76 -14.85
CA LYS A 38 25.10 12.35 -14.71
C LYS A 38 24.67 11.76 -13.37
N VAL A 39 24.07 12.59 -12.53
CA VAL A 39 23.67 12.15 -11.19
C VAL A 39 22.21 11.77 -11.01
N TYR A 40 21.98 10.58 -10.47
CA TYR A 40 20.63 10.10 -10.19
C TYR A 40 20.01 10.91 -9.06
N MET A 41 18.74 11.27 -9.21
CA MET A 41 18.02 12.06 -8.23
C MET A 41 16.75 11.39 -7.71
N GLY A 42 16.70 10.06 -7.81
CA GLY A 42 15.52 9.35 -7.35
C GLY A 42 14.86 8.44 -8.37
N GLU A 43 15.26 8.54 -9.63
CA GLU A 43 14.68 7.70 -10.67
C GLU A 43 14.95 6.24 -10.36
N MET A 44 13.98 5.37 -10.66
CA MET A 44 14.14 3.95 -10.40
C MET A 44 14.82 3.21 -11.54
N GLY A 45 14.74 3.75 -12.75
CA GLY A 45 15.35 3.10 -13.90
C GLY A 45 16.41 3.92 -14.61
N ARG A 46 16.08 4.37 -15.82
CA ARG A 46 17.00 5.16 -16.64
C ARG A 46 17.28 6.55 -16.09
N LEU A 47 18.53 6.98 -16.19
CA LEU A 47 18.90 8.30 -15.73
C LEU A 47 18.07 9.36 -16.46
N LYS A 48 17.52 10.31 -15.70
CA LYS A 48 16.72 11.41 -16.23
C LYS A 48 15.33 11.04 -16.75
N SER A 49 14.88 9.81 -16.48
CA SER A 49 13.58 9.36 -16.95
C SER A 49 12.41 10.03 -16.23
N TYR A 50 12.63 10.44 -14.98
CA TYR A 50 11.58 11.13 -14.23
C TYR A 50 11.34 12.52 -14.79
N GLU A 51 12.42 13.18 -15.19
CA GLU A 51 12.36 14.54 -15.73
C GLU A 51 11.94 14.60 -17.20
N ASN A 52 12.41 13.63 -17.97
CA ASN A 52 12.12 13.53 -19.39
C ASN A 52 11.23 12.31 -19.56
N GLN A 53 9.94 12.56 -19.50
CA GLN A 53 8.92 11.54 -19.56
C GLN A 53 8.44 11.17 -20.96
N LYS A 54 8.72 9.94 -21.35
CA LYS A 54 8.34 9.44 -22.65
C LYS A 54 7.73 8.05 -22.51
N PRO A 55 6.54 7.82 -23.12
CA PRO A 55 5.90 6.51 -23.01
C PRO A 55 6.66 5.46 -23.83
N PRO A 56 6.38 4.17 -23.60
CA PRO A 56 5.40 3.66 -22.64
C PRO A 56 5.86 3.75 -21.18
N PHE A 57 4.91 3.96 -20.29
CA PHE A 57 5.23 4.03 -18.86
C PHE A 57 4.88 2.73 -18.17
N ASP A 58 5.85 2.23 -17.40
CA ASP A 58 5.70 0.98 -16.67
C ASP A 58 6.55 1.01 -15.40
N ALA A 59 6.79 -0.15 -14.83
CA ALA A 59 7.57 -0.24 -13.59
C ALA A 59 8.96 0.37 -13.66
N LYS A 60 9.66 0.16 -14.77
CA LYS A 60 11.00 0.71 -14.90
C LYS A 60 11.00 2.17 -15.33
N ASN A 61 9.91 2.60 -15.94
CA ASN A 61 9.75 3.97 -16.42
C ASN A 61 8.39 4.46 -15.91
N PRO A 62 8.27 4.69 -14.59
CA PRO A 62 6.99 5.15 -14.07
C PRO A 62 6.58 6.53 -14.52
N PHE A 63 5.28 6.77 -14.56
CA PHE A 63 4.76 8.07 -14.96
C PHE A 63 4.62 8.93 -13.72
N LEU A 64 5.13 10.15 -13.77
CA LEU A 64 5.02 11.05 -12.64
C LEU A 64 3.68 11.77 -12.79
N ALA A 65 2.68 11.25 -12.08
CA ALA A 65 1.33 11.77 -12.11
C ALA A 65 1.14 12.93 -11.14
N ALA A 66 0.53 14.00 -11.61
CA ALA A 66 0.30 15.16 -10.74
C ALA A 66 -0.91 14.88 -9.85
N VAL A 67 -0.77 15.18 -8.57
CA VAL A 67 -1.86 15.00 -7.62
C VAL A 67 -2.79 16.19 -7.78
N THR A 68 -3.98 15.97 -8.34
CA THR A 68 -4.91 17.08 -8.55
C THR A 68 -5.86 17.25 -7.38
N THR A 69 -6.03 16.19 -6.59
CA THR A 69 -6.89 16.22 -5.41
C THR A 69 -6.27 15.36 -4.31
N ASN A 70 -6.32 15.86 -3.09
CA ASN A 70 -5.84 15.13 -1.92
C ASN A 70 -6.76 15.64 -0.80
N ARG A 71 -7.76 14.85 -0.45
CA ARG A 71 -8.71 15.27 0.57
C ARG A 71 -9.00 14.22 1.64
N LYS A 72 -9.33 14.70 2.83
CA LYS A 72 -9.66 13.84 3.95
C LYS A 72 -11.07 13.25 3.80
N LEU A 73 -11.17 11.93 3.94
CA LEU A 73 -12.45 11.25 3.79
C LEU A 73 -13.22 11.04 5.09
N ASN A 74 -12.50 10.78 6.18
CA ASN A 74 -13.17 10.54 7.44
C ASN A 74 -13.61 11.80 8.15
N GLN A 75 -14.71 11.66 8.89
CA GLN A 75 -15.30 12.75 9.64
C GLN A 75 -14.57 13.02 10.96
N GLY A 76 -14.11 11.96 11.61
CA GLY A 76 -13.42 12.10 12.87
C GLY A 76 -11.93 12.40 12.74
N THR A 77 -11.23 12.39 13.87
CA THR A 77 -9.80 12.68 13.89
C THR A 77 -8.94 11.57 14.51
N GLU A 78 -9.55 10.41 14.77
CA GLU A 78 -8.80 9.30 15.36
C GLU A 78 -7.72 8.85 14.40
N ARG A 79 -8.05 8.84 13.12
CA ARG A 79 -7.12 8.43 12.08
C ARG A 79 -7.25 9.39 10.90
N HIS A 80 -6.44 9.18 9.87
CA HIS A 80 -6.53 10.01 8.68
C HIS A 80 -6.72 9.08 7.48
N LEU A 81 -7.88 9.19 6.84
CA LEU A 81 -8.18 8.40 5.66
C LEU A 81 -8.29 9.42 4.55
N MET A 82 -7.64 9.16 3.42
CA MET A 82 -7.62 10.12 2.34
C MET A 82 -7.97 9.60 0.96
N HIS A 83 -8.39 10.54 0.12
CA HIS A 83 -8.75 10.27 -1.27
C HIS A 83 -7.86 11.13 -2.14
N LEU A 84 -7.11 10.49 -3.04
CA LEU A 84 -6.23 11.22 -3.95
C LEU A 84 -6.62 10.92 -5.39
N GLU A 85 -6.42 11.91 -6.25
CA GLU A 85 -6.69 11.76 -7.67
C GLU A 85 -5.39 12.11 -8.37
N LEU A 86 -4.88 11.16 -9.14
CA LEU A 86 -3.61 11.31 -9.85
C LEU A 86 -3.88 11.50 -11.35
N ASP A 87 -3.36 12.60 -11.88
CA ASP A 87 -3.56 12.94 -13.28
C ASP A 87 -2.61 12.14 -14.18
N ILE A 88 -3.17 11.25 -14.99
CA ILE A 88 -2.35 10.46 -15.89
C ILE A 88 -2.57 10.88 -17.35
N SER A 89 -3.11 12.09 -17.55
CA SER A 89 -3.33 12.55 -18.91
C SER A 89 -2.00 12.61 -19.67
N ASP A 90 -2.04 12.21 -20.93
CA ASP A 90 -0.88 12.20 -21.81
C ASP A 90 0.11 11.06 -21.53
N SER A 91 -0.24 10.17 -20.60
CA SER A 91 0.63 9.06 -20.25
C SER A 91 0.38 7.84 -21.13
N LYS A 92 -0.81 7.79 -21.72
CA LYS A 92 -1.22 6.68 -22.57
C LYS A 92 -1.47 5.43 -21.71
N ILE A 93 -1.48 5.62 -20.40
CA ILE A 93 -1.72 4.49 -19.50
C ILE A 93 -3.19 4.08 -19.53
N ARG A 94 -3.41 2.77 -19.59
CA ARG A 94 -4.74 2.19 -19.61
C ARG A 94 -4.95 1.43 -18.32
N TYR A 95 -6.18 1.45 -17.80
CA TYR A 95 -6.49 0.71 -16.59
C TYR A 95 -7.97 0.40 -16.55
N GLU A 96 -8.34 -0.51 -15.65
CA GLU A 96 -9.73 -0.89 -15.45
C GLU A 96 -9.98 -0.97 -13.96
N SER A 97 -11.23 -0.74 -13.56
CA SER A 97 -11.57 -0.84 -12.15
C SER A 97 -11.18 -2.25 -11.73
N GLY A 98 -10.53 -2.37 -10.58
CA GLY A 98 -10.08 -3.66 -10.11
C GLY A 98 -8.56 -3.76 -10.17
N ASP A 99 -7.93 -2.96 -11.03
CA ASP A 99 -6.48 -2.95 -11.16
C ASP A 99 -5.83 -2.27 -9.95
N HIS A 100 -4.51 -2.42 -9.84
CA HIS A 100 -3.78 -1.79 -8.75
C HIS A 100 -2.86 -0.71 -9.29
N VAL A 101 -2.62 0.31 -8.49
CA VAL A 101 -1.69 1.34 -8.89
C VAL A 101 -0.53 1.26 -7.91
N ALA A 102 0.68 1.21 -8.45
CA ALA A 102 1.88 1.15 -7.63
C ALA A 102 2.52 2.52 -7.61
N VAL A 103 3.08 2.89 -6.47
CA VAL A 103 3.77 4.17 -6.34
C VAL A 103 5.15 3.95 -5.72
N TYR A 104 6.12 4.75 -6.17
CA TYR A 104 7.48 4.69 -5.63
C TYR A 104 7.54 5.90 -4.71
N PRO A 105 7.45 5.68 -3.39
CA PRO A 105 7.48 6.76 -2.41
C PRO A 105 8.84 7.30 -2.06
N ALA A 106 8.85 8.30 -1.17
CA ALA A 106 10.08 8.90 -0.69
C ALA A 106 10.01 8.98 0.82
N ASN A 107 11.13 8.79 1.48
CA ASN A 107 11.20 8.87 2.93
C ASN A 107 11.10 10.32 3.39
N ASP A 108 10.71 10.50 4.65
CA ASP A 108 10.58 11.83 5.24
C ASP A 108 11.95 12.52 5.24
N SER A 109 12.01 13.71 4.67
CA SER A 109 13.26 14.46 4.59
C SER A 109 13.87 14.75 5.96
N ALA A 110 13.02 14.98 6.95
CA ALA A 110 13.51 15.27 8.30
C ALA A 110 14.19 14.05 8.90
N LEU A 111 13.67 12.86 8.59
CA LEU A 111 14.25 11.61 9.09
C LEU A 111 15.62 11.39 8.43
N VAL A 112 15.70 11.64 7.13
CA VAL A 112 16.95 11.50 6.41
C VAL A 112 17.97 12.46 7.02
N ASN A 113 17.54 13.70 7.30
CA ASN A 113 18.43 14.69 7.90
C ASN A 113 18.96 14.23 9.25
N GLN A 114 18.09 13.66 10.08
CA GLN A 114 18.51 13.16 11.38
C GLN A 114 19.55 12.07 11.27
N LEU A 115 19.41 11.20 10.27
CA LEU A 115 20.37 10.12 10.06
C LEU A 115 21.72 10.68 9.68
N GLY A 116 21.74 11.63 8.76
CA GLY A 116 22.98 12.23 8.35
C GLY A 116 23.69 12.89 9.52
N LYS A 117 22.93 13.58 10.36
CA LYS A 117 23.51 14.27 11.50
C LYS A 117 24.08 13.33 12.56
N ILE A 118 23.32 12.31 12.94
CA ILE A 118 23.80 11.39 13.96
C ILE A 118 25.01 10.58 13.50
N LEU A 119 25.14 10.40 12.19
CA LEU A 119 26.27 9.66 11.63
C LEU A 119 27.46 10.58 11.38
N GLY A 120 27.22 11.89 11.40
CA GLY A 120 28.28 12.84 11.16
C GLY A 120 28.70 12.80 9.71
N ALA A 121 27.72 12.54 8.84
CA ALA A 121 27.98 12.44 7.41
C ALA A 121 27.44 13.59 6.58
N ASP A 122 28.14 13.89 5.49
CA ASP A 122 27.73 14.93 4.56
C ASP A 122 26.88 14.19 3.54
N LEU A 123 25.56 14.30 3.67
CA LEU A 123 24.62 13.62 2.79
C LEU A 123 24.63 14.05 1.33
N ASP A 124 25.20 15.21 1.05
CA ASP A 124 25.23 15.70 -0.32
C ASP A 124 26.41 15.22 -1.15
N VAL A 125 27.25 14.38 -0.56
CA VAL A 125 28.38 13.81 -1.28
C VAL A 125 27.82 12.85 -2.32
N VAL A 126 28.26 12.99 -3.57
CA VAL A 126 27.80 12.13 -4.65
C VAL A 126 28.83 11.00 -4.80
N MET A 127 28.33 9.77 -4.94
CA MET A 127 29.22 8.63 -5.05
C MET A 127 28.58 7.44 -5.74
N SER A 128 29.37 6.38 -5.90
CA SER A 128 28.91 5.14 -6.49
C SER A 128 29.43 4.02 -5.62
N LEU A 129 28.61 2.98 -5.47
CA LEU A 129 29.02 1.80 -4.74
C LEU A 129 29.09 0.75 -5.84
N ASN A 130 30.29 0.25 -6.10
CA ASN A 130 30.50 -0.71 -7.18
C ASN A 130 30.83 -2.12 -6.68
N ASN A 131 30.15 -3.11 -7.26
CA ASN A 131 30.35 -4.49 -6.87
C ASN A 131 31.82 -4.90 -7.02
N LEU A 132 32.38 -5.48 -5.97
CA LEU A 132 33.77 -5.93 -5.99
C LEU A 132 33.94 -7.03 -7.02
N ASP A 133 32.82 -7.66 -7.38
CA ASP A 133 32.83 -8.70 -8.40
C ASP A 133 32.45 -7.98 -9.69
N GLU A 134 33.47 -7.55 -10.43
CA GLU A 134 33.28 -6.82 -11.68
C GLU A 134 32.44 -7.52 -12.73
N GLU A 135 32.28 -8.84 -12.61
CA GLU A 135 31.50 -9.59 -13.58
C GLU A 135 30.01 -9.66 -13.21
N SER A 136 29.70 -9.46 -11.93
CA SER A 136 28.32 -9.54 -11.47
C SER A 136 27.35 -8.61 -12.20
N ASN A 137 26.14 -9.11 -12.43
CA ASN A 137 25.10 -8.34 -13.10
C ASN A 137 24.64 -7.20 -12.20
N LYS A 138 24.79 -7.38 -10.89
CA LYS A 138 24.38 -6.36 -9.93
C LYS A 138 25.57 -5.43 -9.70
N LYS A 139 25.70 -4.43 -10.57
CA LYS A 139 26.81 -3.48 -10.49
C LYS A 139 26.76 -2.55 -9.29
N HIS A 140 25.54 -2.16 -8.88
CA HIS A 140 25.35 -1.26 -7.75
C HIS A 140 24.20 -1.71 -6.87
N PRO A 141 24.13 -1.19 -5.62
CA PRO A 141 23.04 -1.57 -4.72
C PRO A 141 21.74 -0.83 -5.05
N PHE A 142 21.87 0.28 -5.78
CA PHE A 142 20.77 1.13 -6.21
C PHE A 142 21.36 2.04 -7.30
N PRO A 143 20.51 2.82 -7.99
CA PRO A 143 21.05 3.70 -9.05
C PRO A 143 22.19 4.61 -8.62
N CYS A 144 23.30 4.53 -9.36
CA CYS A 144 24.50 5.32 -9.10
C CYS A 144 25.01 5.90 -10.42
N PRO A 145 25.74 7.03 -10.37
CA PRO A 145 26.11 7.76 -9.15
C PRO A 145 24.93 8.53 -8.56
N THR A 146 24.96 8.74 -7.25
CA THR A 146 23.90 9.45 -6.55
C THR A 146 24.42 9.91 -5.19
N SER A 147 23.73 10.86 -4.56
CA SER A 147 24.18 11.31 -3.25
C SER A 147 23.59 10.44 -2.16
N TYR A 148 24.19 10.49 -0.98
CA TYR A 148 23.68 9.71 0.14
C TYR A 148 22.26 10.18 0.47
N ARG A 149 22.01 11.48 0.35
CA ARG A 149 20.67 12.02 0.63
C ARG A 149 19.65 11.37 -0.30
N THR A 150 19.98 11.31 -1.59
CA THR A 150 19.07 10.73 -2.56
C THR A 150 18.85 9.25 -2.28
N ALA A 151 19.91 8.53 -1.98
CA ALA A 151 19.78 7.09 -1.71
C ALA A 151 18.88 6.84 -0.49
N LEU A 152 19.10 7.59 0.58
CA LEU A 152 18.31 7.42 1.79
C LEU A 152 16.87 7.88 1.61
N THR A 153 16.65 8.77 0.67
CA THR A 153 15.32 9.28 0.42
C THR A 153 14.46 8.43 -0.51
N TYR A 154 15.06 7.99 -1.61
CA TYR A 154 14.32 7.23 -2.63
C TYR A 154 14.69 5.78 -2.83
N TYR A 155 15.89 5.38 -2.43
CA TYR A 155 16.30 4.01 -2.69
C TYR A 155 16.40 3.02 -1.54
N LEU A 156 16.42 3.53 -0.31
CA LEU A 156 16.58 2.65 0.84
C LEU A 156 15.46 2.67 1.87
N ASP A 157 15.26 1.52 2.50
CA ASP A 157 14.26 1.34 3.55
C ASP A 157 14.96 1.71 4.85
N ILE A 158 14.53 2.81 5.48
CA ILE A 158 15.11 3.28 6.72
C ILE A 158 14.06 3.34 7.83
N THR A 159 12.93 2.69 7.61
CA THR A 159 11.83 2.74 8.57
C THR A 159 11.40 1.41 9.18
N ASN A 160 11.69 0.30 8.51
CA ASN A 160 11.32 -1.00 9.05
C ASN A 160 12.43 -1.52 9.95
N PRO A 161 12.11 -2.47 10.84
CA PRO A 161 13.14 -3.01 11.73
C PRO A 161 14.27 -3.70 10.96
N PRO A 162 15.52 -3.31 11.23
CA PRO A 162 16.65 -3.94 10.55
C PRO A 162 16.71 -5.43 10.86
N ARG A 163 17.12 -6.23 9.87
CA ARG A 163 17.23 -7.68 10.07
C ARG A 163 18.47 -7.97 10.91
N THR A 164 18.55 -9.18 11.45
CA THR A 164 19.68 -9.55 12.29
C THR A 164 21.04 -9.42 11.60
N ASN A 165 21.09 -9.68 10.31
CA ASN A 165 22.34 -9.59 9.58
C ASN A 165 22.88 -8.16 9.58
N VAL A 166 21.98 -7.18 9.48
CA VAL A 166 22.40 -5.79 9.50
C VAL A 166 23.01 -5.45 10.86
N LEU A 167 22.37 -5.93 11.92
CA LEU A 167 22.87 -5.69 13.27
C LEU A 167 24.23 -6.35 13.46
N TYR A 168 24.40 -7.52 12.86
CA TYR A 168 25.65 -8.26 12.95
C TYR A 168 26.80 -7.46 12.37
N GLU A 169 26.58 -6.86 11.21
CA GLU A 169 27.59 -6.05 10.54
C GLU A 169 27.82 -4.70 11.20
N LEU A 170 26.79 -4.17 11.86
CA LEU A 170 26.89 -2.88 12.51
C LEU A 170 27.59 -2.91 13.86
N ALA A 171 27.51 -4.04 14.55
CA ALA A 171 28.12 -4.18 15.87
C ALA A 171 29.57 -3.68 15.98
N GLN A 172 30.37 -3.97 14.97
CA GLN A 172 31.77 -3.57 14.96
C GLN A 172 31.98 -2.06 15.08
N TYR A 173 30.95 -1.31 14.72
CA TYR A 173 31.05 0.15 14.75
C TYR A 173 30.59 0.81 16.04
N ALA A 174 30.23 0.01 17.05
CA ALA A 174 29.82 0.56 18.33
C ALA A 174 31.04 0.48 19.24
N SER A 175 31.61 1.64 19.56
CA SER A 175 32.82 1.69 20.39
C SER A 175 32.62 1.42 21.88
N GLU A 176 31.40 1.56 22.38
CA GLU A 176 31.12 1.27 23.78
C GLU A 176 30.93 -0.25 23.83
N PRO A 177 31.81 -0.98 24.52
CA PRO A 177 31.69 -2.43 24.60
C PRO A 177 30.30 -2.97 24.92
N SER A 178 29.62 -2.37 25.90
CA SER A 178 28.29 -2.83 26.27
C SER A 178 27.30 -2.75 25.11
N GLU A 179 27.42 -1.69 24.29
CA GLU A 179 26.53 -1.54 23.15
C GLU A 179 26.88 -2.52 22.05
N GLN A 180 28.17 -2.74 21.84
CA GLN A 180 28.61 -3.69 20.82
C GLN A 180 28.10 -5.07 21.20
N GLU A 181 28.18 -5.37 22.50
CA GLU A 181 27.72 -6.66 23.01
C GLU A 181 26.22 -6.82 22.82
N LEU A 182 25.48 -5.74 23.05
CA LEU A 182 24.02 -5.77 22.89
C LEU A 182 23.67 -6.11 21.44
N LEU A 183 24.30 -5.39 20.51
CA LEU A 183 24.05 -5.62 19.10
C LEU A 183 24.45 -7.03 18.65
N ARG A 184 25.60 -7.51 19.11
CA ARG A 184 26.04 -8.85 18.74
C ARG A 184 25.07 -9.90 19.28
N LYS A 185 24.59 -9.67 20.51
CA LYS A 185 23.64 -10.59 21.13
C LYS A 185 22.35 -10.69 20.33
N MET A 186 21.76 -9.55 19.99
CA MET A 186 20.51 -9.54 19.23
C MET A 186 20.64 -10.09 17.83
N ALA A 187 21.86 -10.10 17.30
CA ALA A 187 22.11 -10.61 15.95
C ALA A 187 22.46 -12.09 15.98
N SER A 188 22.68 -12.63 17.18
CA SER A 188 23.05 -14.04 17.33
C SER A 188 21.86 -14.98 17.39
N SER A 189 22.15 -16.27 17.42
CA SER A 189 21.11 -17.29 17.49
C SER A 189 20.94 -17.85 18.90
N SER A 190 21.49 -17.15 19.89
CA SER A 190 21.37 -17.62 21.26
C SER A 190 19.91 -17.46 21.67
N GLY A 191 19.46 -18.29 22.61
CA GLY A 191 18.09 -18.23 23.07
C GLY A 191 17.68 -16.85 23.53
N GLU A 192 18.46 -16.26 24.42
CA GLU A 192 18.16 -14.93 24.93
C GLU A 192 18.34 -13.86 23.86
N GLY A 193 19.30 -14.08 22.96
CA GLY A 193 19.55 -13.13 21.89
C GLY A 193 18.33 -12.98 20.99
N LYS A 194 17.72 -14.11 20.66
CA LYS A 194 16.54 -14.09 19.80
C LYS A 194 15.37 -13.39 20.50
N GLU A 195 15.22 -13.61 21.80
CA GLU A 195 14.13 -12.98 22.54
C GLU A 195 14.35 -11.48 22.64
N LEU A 196 15.60 -11.06 22.76
CA LEU A 196 15.91 -9.64 22.85
C LEU A 196 15.65 -8.96 21.51
N TYR A 197 16.06 -9.61 20.42
CA TYR A 197 15.85 -9.06 19.10
C TYR A 197 14.35 -8.87 18.86
N LEU A 198 13.58 -9.89 19.21
CA LEU A 198 12.13 -9.88 19.04
C LEU A 198 11.49 -8.70 19.77
N SER A 199 11.85 -8.50 21.03
CA SER A 199 11.26 -7.42 21.81
C SER A 199 11.87 -6.04 21.57
N TRP A 200 13.20 -5.97 21.50
CA TRP A 200 13.87 -4.69 21.33
C TRP A 200 13.87 -4.11 19.92
N VAL A 201 13.95 -4.95 18.90
CA VAL A 201 13.96 -4.45 17.52
C VAL A 201 12.60 -4.61 16.84
N VAL A 202 12.12 -5.85 16.76
CA VAL A 202 10.85 -6.12 16.09
C VAL A 202 9.60 -5.55 16.77
N GLU A 203 9.30 -5.99 17.97
CA GLU A 203 8.12 -5.52 18.68
C GLU A 203 8.14 -4.04 19.04
N ALA A 204 9.31 -3.52 19.33
CA ALA A 204 9.44 -2.10 19.67
C ALA A 204 9.48 -1.28 18.39
N ARG A 205 9.49 -1.97 17.25
CA ARG A 205 9.52 -1.34 15.92
C ARG A 205 10.63 -0.30 15.80
N ARG A 206 11.83 -0.66 16.27
CA ARG A 206 12.97 0.24 16.18
C ARG A 206 13.58 0.26 14.78
N HIS A 207 13.53 1.42 14.15
CA HIS A 207 14.12 1.57 12.83
C HIS A 207 15.60 1.93 13.02
N ILE A 208 16.33 2.08 11.93
CA ILE A 208 17.76 2.36 12.05
C ILE A 208 18.10 3.62 12.87
N LEU A 209 17.34 4.71 12.71
CA LEU A 209 17.64 5.90 13.51
C LEU A 209 17.44 5.61 15.00
N ALA A 210 16.37 4.90 15.33
CA ALA A 210 16.10 4.58 16.74
C ALA A 210 17.24 3.76 17.34
N ILE A 211 17.80 2.85 16.57
CA ILE A 211 18.90 2.02 17.05
C ILE A 211 20.15 2.89 17.26
N LEU A 212 20.41 3.78 16.31
CA LEU A 212 21.57 4.68 16.42
C LEU A 212 21.42 5.60 17.63
N GLN A 213 20.18 5.99 17.93
CA GLN A 213 19.94 6.87 19.08
C GLN A 213 20.07 6.14 20.40
N ASP A 214 19.57 4.90 20.45
CA ASP A 214 19.62 4.12 21.68
C ASP A 214 20.95 3.44 21.95
N CYS A 215 21.82 3.43 20.94
CA CYS A 215 23.18 2.89 21.04
C CYS A 215 24.03 4.02 20.46
N PRO A 216 24.15 5.13 21.19
CA PRO A 216 24.91 6.31 20.75
C PRO A 216 26.37 6.16 20.36
N SER A 217 27.00 5.05 20.72
CA SER A 217 28.40 4.86 20.34
C SER A 217 28.51 4.22 18.96
N LEU A 218 27.36 3.85 18.41
CA LEU A 218 27.32 3.23 17.08
C LEU A 218 27.56 4.31 16.02
N ARG A 219 28.70 4.20 15.34
CA ARG A 219 29.05 5.19 14.32
C ARG A 219 29.54 4.51 13.05
N PRO A 220 28.63 3.88 12.29
CA PRO A 220 29.03 3.21 11.06
C PRO A 220 29.25 4.21 9.92
N PRO A 221 30.16 3.90 8.99
CA PRO A 221 30.38 4.82 7.88
C PRO A 221 29.11 4.75 7.04
N ILE A 222 28.64 5.89 6.56
CA ILE A 222 27.41 5.93 5.79
C ILE A 222 27.39 5.05 4.55
N ASP A 223 28.52 4.92 3.84
CA ASP A 223 28.51 4.09 2.64
C ASP A 223 28.26 2.62 2.96
N HIS A 224 28.81 2.13 4.08
CA HIS A 224 28.58 0.74 4.44
C HIS A 224 27.12 0.57 4.83
N LEU A 225 26.58 1.56 5.52
CA LEU A 225 25.17 1.49 5.91
C LEU A 225 24.29 1.39 4.68
N CYS A 226 24.63 2.15 3.64
CA CYS A 226 23.83 2.14 2.41
C CYS A 226 23.90 0.80 1.69
N GLU A 227 24.96 0.03 1.95
CA GLU A 227 25.11 -1.30 1.34
C GLU A 227 24.31 -2.33 2.13
N LEU A 228 24.11 -2.08 3.42
CA LEU A 228 23.40 -3.02 4.29
C LEU A 228 21.88 -2.95 4.28
N LEU A 229 21.34 -1.74 4.14
CA LEU A 229 19.89 -1.56 4.17
C LEU A 229 19.16 -2.09 2.95
N PRO A 230 17.90 -2.54 3.14
CA PRO A 230 17.10 -3.07 2.03
C PRO A 230 16.62 -1.92 1.15
N ARG A 231 16.17 -2.26 -0.05
CA ARG A 231 15.66 -1.25 -0.98
C ARG A 231 14.26 -0.79 -0.57
N LEU A 232 13.95 0.46 -0.88
CA LEU A 232 12.63 1.02 -0.62
C LEU A 232 11.76 0.46 -1.76
N GLN A 233 10.66 -0.18 -1.38
CA GLN A 233 9.77 -0.84 -2.33
C GLN A 233 8.55 -0.06 -2.81
N ALA A 234 8.06 -0.44 -3.98
CA ALA A 234 6.86 0.15 -4.53
C ALA A 234 5.73 -0.29 -3.61
N HIS A 235 4.74 0.57 -3.42
CA HIS A 235 3.59 0.25 -2.58
C HIS A 235 2.36 0.25 -3.47
N TYR A 236 1.48 -0.73 -3.27
CA TYR A 236 0.29 -0.89 -4.09
C TYR A 236 -1.02 -0.43 -3.47
N TYR A 237 -1.91 0.10 -4.30
CA TYR A 237 -3.21 0.56 -3.86
C TYR A 237 -4.25 0.12 -4.87
N SER A 238 -5.45 -0.16 -4.39
CA SER A 238 -6.54 -0.57 -5.27
C SER A 238 -7.14 0.67 -5.90
N ILE A 239 -7.08 0.76 -7.22
CA ILE A 239 -7.62 1.92 -7.92
C ILE A 239 -9.09 2.10 -7.58
N ALA A 240 -9.43 3.29 -7.10
CA ALA A 240 -10.78 3.63 -6.65
C ALA A 240 -11.62 4.40 -7.67
N SER A 241 -11.26 4.28 -8.94
CA SER A 241 -11.98 4.97 -10.01
C SER A 241 -12.19 4.02 -11.19
N SER A 242 -13.16 4.39 -12.04
CA SER A 242 -13.48 3.64 -13.24
C SER A 242 -12.87 4.39 -14.42
N SER A 243 -12.19 3.68 -15.32
CA SER A 243 -11.59 4.34 -16.47
C SER A 243 -12.64 4.74 -17.51
N LYS A 244 -13.88 4.29 -17.33
CA LYS A 244 -14.97 4.66 -18.24
C LYS A 244 -15.43 6.06 -17.86
N VAL A 245 -15.19 6.44 -16.60
CA VAL A 245 -15.56 7.75 -16.07
C VAL A 245 -14.35 8.67 -15.94
N HIS A 246 -13.23 8.11 -15.51
CA HIS A 246 -12.00 8.88 -15.32
C HIS A 246 -10.85 8.23 -16.07
N PRO A 247 -10.90 8.22 -17.42
CA PRO A 247 -9.81 7.61 -18.17
C PRO A 247 -8.44 8.24 -17.92
N ASN A 248 -8.43 9.52 -17.58
CA ASN A 248 -7.18 10.24 -17.35
C ASN A 248 -6.86 10.54 -15.88
N SER A 249 -7.46 9.79 -14.97
CA SER A 249 -7.20 9.98 -13.55
C SER A 249 -7.30 8.66 -12.81
N VAL A 250 -6.34 8.40 -11.92
CA VAL A 250 -6.34 7.20 -11.12
C VAL A 250 -6.53 7.64 -9.68
N HIS A 251 -7.57 7.13 -9.02
CA HIS A 251 -7.86 7.51 -7.65
C HIS A 251 -7.39 6.49 -6.62
N ILE A 252 -7.00 6.99 -5.45
CA ILE A 252 -6.51 6.15 -4.36
C ILE A 252 -7.27 6.49 -3.08
N CYS A 253 -7.62 5.44 -2.33
CA CYS A 253 -8.30 5.57 -1.05
C CYS A 253 -7.35 4.86 -0.08
N ALA A 254 -6.79 5.61 0.86
CA ALA A 254 -5.85 5.00 1.79
C ALA A 254 -5.91 5.52 3.22
N VAL A 255 -5.55 4.65 4.15
CA VAL A 255 -5.51 5.03 5.55
C VAL A 255 -4.05 5.28 5.90
N VAL A 256 -3.77 6.40 6.55
CA VAL A 256 -2.41 6.73 6.91
C VAL A 256 -1.92 5.92 8.10
N VAL A 257 -0.70 5.41 8.00
CA VAL A 257 -0.08 4.63 9.06
C VAL A 257 0.76 5.56 9.94
N GLU A 258 0.38 5.66 11.21
CA GLU A 258 1.08 6.50 12.18
C GLU A 258 0.72 5.96 13.56
N TYR A 259 1.75 5.61 14.34
CA TYR A 259 1.51 5.05 15.67
C TYR A 259 2.67 5.29 16.62
N GLU A 260 2.37 5.22 17.91
CA GLU A 260 3.41 5.40 18.93
C GLU A 260 3.97 4.01 19.24
N THR A 261 5.30 3.91 19.28
CA THR A 261 5.93 2.63 19.54
C THR A 261 6.08 2.37 21.03
N LYS A 262 6.45 1.14 21.37
CA LYS A 262 6.63 0.75 22.76
C LYS A 262 7.98 1.27 23.24
N ALA A 263 8.57 2.17 22.45
CA ALA A 263 9.86 2.77 22.77
C ALA A 263 9.73 4.29 22.79
N GLY A 264 8.51 4.77 22.95
CA GLY A 264 8.26 6.21 23.02
C GLY A 264 8.42 7.03 21.76
N ARG A 265 8.46 6.36 20.60
CA ARG A 265 8.62 7.07 19.34
C ARG A 265 7.36 7.04 18.50
N ILE A 266 7.30 7.92 17.51
CA ILE A 266 6.16 7.98 16.61
C ILE A 266 6.65 7.46 15.26
N ASN A 267 6.14 6.30 14.84
CA ASN A 267 6.53 5.72 13.56
C ASN A 267 5.49 6.12 12.51
N LYS A 268 5.98 6.41 11.30
CA LYS A 268 5.11 6.80 10.19
C LYS A 268 5.28 5.87 8.99
N GLY A 269 4.17 5.42 8.42
CA GLY A 269 4.23 4.58 7.24
C GLY A 269 4.81 5.43 6.13
N VAL A 270 5.77 4.89 5.38
CA VAL A 270 6.42 5.67 4.33
C VAL A 270 5.53 6.19 3.20
N ALA A 271 4.86 5.29 2.50
CA ALA A 271 4.04 5.70 1.37
C ALA A 271 2.83 6.54 1.76
N THR A 272 2.13 6.17 2.83
CA THR A 272 0.95 6.93 3.20
C THR A 272 1.24 8.33 3.72
N ASN A 273 2.35 8.50 4.45
CA ASN A 273 2.66 9.84 4.92
C ASN A 273 3.22 10.69 3.79
N TRP A 274 3.90 10.04 2.85
CA TRP A 274 4.45 10.72 1.68
C TRP A 274 3.26 11.21 0.84
N LEU A 275 2.26 10.35 0.66
CA LEU A 275 1.08 10.73 -0.10
C LEU A 275 0.28 11.82 0.61
N ARG A 276 0.14 11.70 1.93
CA ARG A 276 -0.60 12.70 2.68
C ARG A 276 0.02 14.08 2.51
N ALA A 277 1.34 14.14 2.39
CA ALA A 277 2.06 15.40 2.23
C ALA A 277 2.02 15.97 0.81
N LYS A 278 1.52 15.19 -0.14
CA LYS A 278 1.44 15.65 -1.52
C LYS A 278 0.35 16.69 -1.70
N GLU A 279 0.74 17.96 -1.61
CA GLU A 279 -0.19 19.07 -1.77
C GLU A 279 -0.31 19.40 -3.24
N PRO A 280 -1.54 19.36 -3.78
CA PRO A 280 -1.71 19.67 -5.21
C PRO A 280 -0.98 20.94 -5.60
N VAL A 281 -1.04 21.95 -4.72
CA VAL A 281 -0.39 23.24 -4.94
C VAL A 281 -0.03 23.52 -6.39
N ASN A 284 3.83 29.22 -3.62
CA ASN A 284 4.42 28.98 -4.94
C ASN A 284 3.72 27.84 -5.65
N GLY A 285 3.81 27.83 -6.98
CA GLY A 285 3.17 26.78 -7.75
C GLY A 285 3.84 25.44 -7.54
N GLY A 286 4.13 24.75 -8.63
CA GLY A 286 4.77 23.45 -8.51
C GLY A 286 3.76 22.38 -8.23
N ARG A 287 3.65 21.42 -9.14
CA ARG A 287 2.71 20.32 -9.01
C ARG A 287 3.34 19.24 -8.14
N ALA A 288 2.52 18.57 -7.35
CA ALA A 288 3.00 17.48 -6.51
C ALA A 288 2.94 16.26 -7.42
N LEU A 289 4.09 15.62 -7.64
CA LEU A 289 4.15 14.47 -8.53
C LEU A 289 4.37 13.15 -7.82
N VAL A 290 3.69 12.11 -8.32
CA VAL A 290 3.79 10.77 -7.76
C VAL A 290 4.21 9.77 -8.84
N PRO A 291 5.42 9.18 -8.72
CA PRO A 291 5.85 8.20 -9.73
C PRO A 291 4.98 6.95 -9.56
N MET A 292 4.31 6.55 -10.63
CA MET A 292 3.43 5.40 -10.55
C MET A 292 3.35 4.55 -11.81
N PHE A 293 2.70 3.40 -11.66
CA PHE A 293 2.46 2.52 -12.79
C PHE A 293 1.28 1.64 -12.41
N VAL A 294 0.62 1.08 -13.41
CA VAL A 294 -0.54 0.23 -13.18
C VAL A 294 -0.20 -1.23 -13.30
N ARG A 295 -0.63 -2.02 -12.32
CA ARG A 295 -0.40 -3.47 -12.37
C ARG A 295 -1.77 -4.10 -12.60
N LYS A 296 -1.91 -4.76 -13.74
CA LYS A 296 -3.16 -5.40 -14.11
C LYS A 296 -3.52 -6.54 -13.15
N SER A 297 -4.79 -6.59 -12.76
CA SER A 297 -5.28 -7.64 -11.87
C SER A 297 -6.35 -8.44 -12.60
N GLN A 298 -6.90 -9.46 -11.92
CA GLN A 298 -7.95 -10.29 -12.50
C GLN A 298 -9.27 -9.95 -11.83
N PHE A 299 -9.26 -8.92 -10.99
CA PHE A 299 -10.45 -8.45 -10.26
C PHE A 299 -11.21 -7.59 -11.25
N ARG A 300 -12.33 -8.12 -11.77
CA ARG A 300 -13.10 -7.40 -12.79
C ARG A 300 -14.60 -7.54 -12.71
N LEU A 301 -15.31 -6.49 -13.12
CA LEU A 301 -16.76 -6.51 -13.18
C LEU A 301 -17.15 -7.55 -14.23
N PRO A 302 -18.37 -8.08 -14.16
CA PRO A 302 -18.84 -9.07 -15.13
C PRO A 302 -18.81 -8.49 -16.55
N PHE A 303 -18.57 -9.35 -17.54
CA PHE A 303 -18.53 -8.92 -18.93
C PHE A 303 -19.86 -8.27 -19.32
N LYS A 304 -20.95 -8.87 -18.87
CA LYS A 304 -22.29 -8.34 -19.17
C LYS A 304 -22.75 -7.47 -18.01
N ALA A 305 -23.16 -6.25 -18.34
CA ALA A 305 -23.63 -5.30 -17.34
C ALA A 305 -24.89 -5.78 -16.63
N THR A 306 -25.63 -6.68 -17.27
CA THR A 306 -26.87 -7.20 -16.68
C THR A 306 -26.61 -8.20 -15.56
N THR A 307 -25.38 -8.69 -15.46
CA THR A 307 -25.03 -9.64 -14.41
C THR A 307 -24.93 -8.94 -13.06
N PRO A 308 -25.63 -9.45 -12.05
CA PRO A 308 -25.60 -8.84 -10.71
C PRO A 308 -24.25 -8.97 -10.04
N VAL A 309 -23.95 -8.02 -9.15
CA VAL A 309 -22.69 -8.04 -8.41
C VAL A 309 -22.93 -7.80 -6.92
N ILE A 310 -22.22 -8.57 -6.11
CA ILE A 310 -22.28 -8.49 -4.65
C ILE A 310 -20.86 -8.12 -4.23
N MET A 311 -20.70 -6.92 -3.65
CA MET A 311 -19.39 -6.43 -3.23
C MET A 311 -19.29 -6.34 -1.71
N VAL A 312 -18.24 -6.91 -1.14
CA VAL A 312 -18.03 -6.87 0.29
C VAL A 312 -16.67 -6.25 0.54
N GLY A 313 -16.66 -5.05 1.10
CA GLY A 313 -15.40 -4.37 1.35
C GLY A 313 -15.43 -3.37 2.49
N PRO A 314 -15.15 -3.83 3.72
CA PRO A 314 -15.15 -2.91 4.86
C PRO A 314 -13.87 -2.08 4.91
N GLY A 315 -13.96 -0.90 5.50
CA GLY A 315 -12.81 -0.02 5.60
C GLY A 315 -12.29 0.39 4.24
N THR A 316 -10.97 0.48 4.11
CA THR A 316 -10.38 0.84 2.83
C THR A 316 -10.62 -0.22 1.78
N GLY A 317 -11.18 -1.35 2.19
CA GLY A 317 -11.50 -2.42 1.25
C GLY A 317 -12.59 -1.97 0.29
N VAL A 318 -13.22 -0.85 0.58
CA VAL A 318 -14.27 -0.33 -0.27
C VAL A 318 -13.69 0.26 -1.56
N ALA A 319 -12.39 0.56 -1.53
CA ALA A 319 -11.69 1.19 -2.65
C ALA A 319 -12.02 0.75 -4.07
N PRO A 320 -11.78 -0.52 -4.43
CA PRO A 320 -12.11 -0.91 -5.80
C PRO A 320 -13.59 -0.80 -6.13
N PHE A 321 -14.44 -0.91 -5.12
CA PHE A 321 -15.87 -0.85 -5.33
C PHE A 321 -16.38 0.54 -5.65
N ILE A 322 -15.62 1.56 -5.27
CA ILE A 322 -16.03 2.92 -5.60
C ILE A 322 -15.93 3.00 -7.13
N GLY A 323 -14.90 2.36 -7.69
CA GLY A 323 -14.73 2.35 -9.12
C GLY A 323 -15.81 1.51 -9.80
N PHE A 324 -16.10 0.35 -9.21
CA PHE A 324 -17.14 -0.53 -9.75
C PHE A 324 -18.47 0.21 -9.82
N ILE A 325 -18.83 0.87 -8.72
CA ILE A 325 -20.10 1.60 -8.66
C ILE A 325 -20.10 2.78 -9.63
N GLN A 326 -18.98 3.48 -9.76
CA GLN A 326 -18.90 4.60 -10.70
C GLN A 326 -19.20 4.07 -12.10
N GLU A 327 -18.63 2.91 -12.41
CA GLU A 327 -18.80 2.31 -13.72
C GLU A 327 -20.24 1.86 -13.97
N ARG A 328 -20.84 1.18 -13.00
CA ARG A 328 -22.22 0.72 -13.13
C ARG A 328 -23.15 1.92 -13.27
N ALA A 329 -22.87 2.99 -12.53
CA ALA A 329 -23.69 4.20 -12.59
C ALA A 329 -23.54 4.84 -13.98
N TRP A 330 -22.32 4.87 -14.49
CA TRP A 330 -22.04 5.44 -15.81
C TRP A 330 -22.83 4.67 -16.87
N LEU A 331 -22.77 3.35 -16.80
CA LEU A 331 -23.49 2.50 -17.76
C LEU A 331 -24.98 2.78 -17.74
N ARG A 332 -25.55 2.94 -16.55
CA ARG A 332 -26.98 3.24 -16.43
C ARG A 332 -27.24 4.61 -17.07
N GLN A 333 -26.36 5.56 -16.78
CA GLN A 333 -26.48 6.91 -17.32
C GLN A 333 -26.40 6.93 -18.84
N GLN A 334 -25.63 6.00 -19.41
CA GLN A 334 -25.48 5.91 -20.86
C GLN A 334 -26.77 5.38 -21.49
N GLY A 335 -27.56 4.67 -20.69
CA GLY A 335 -28.80 4.11 -21.19
C GLY A 335 -28.79 2.59 -21.25
N LYS A 336 -27.75 1.97 -20.72
CA LYS A 336 -27.64 0.52 -20.75
C LYS A 336 -28.36 -0.14 -19.58
N GLU A 337 -28.77 -1.39 -19.78
CA GLU A 337 -29.44 -2.16 -18.75
C GLU A 337 -28.35 -2.69 -17.82
N VAL A 338 -28.52 -2.49 -16.53
CA VAL A 338 -27.53 -2.94 -15.54
C VAL A 338 -28.21 -3.75 -14.44
N GLY A 339 -27.59 -4.89 -14.10
CA GLY A 339 -28.15 -5.75 -13.06
C GLY A 339 -28.01 -5.17 -11.67
N GLU A 340 -28.53 -5.89 -10.68
CA GLU A 340 -28.44 -5.45 -9.30
C GLU A 340 -26.99 -5.27 -8.89
N THR A 341 -26.74 -4.22 -8.11
CA THR A 341 -25.41 -3.89 -7.64
C THR A 341 -25.52 -3.65 -6.13
N LEU A 342 -24.98 -4.59 -5.35
CA LEU A 342 -25.05 -4.50 -3.89
C LEU A 342 -23.71 -4.30 -3.21
N LEU A 343 -23.68 -3.39 -2.24
CA LEU A 343 -22.47 -3.13 -1.49
C LEU A 343 -22.65 -3.39 0.00
N TYR A 344 -21.75 -4.18 0.54
CA TYR A 344 -21.71 -4.48 1.97
C TYR A 344 -20.43 -3.81 2.42
N TYR A 345 -20.60 -2.68 3.10
CA TYR A 345 -19.49 -1.87 3.58
C TYR A 345 -19.52 -1.86 5.11
N GLY A 346 -18.41 -1.45 5.70
CA GLY A 346 -18.35 -1.40 7.15
C GLY A 346 -17.32 -0.40 7.65
N CYS A 347 -17.63 0.25 8.75
CA CYS A 347 -16.71 1.20 9.38
C CYS A 347 -17.01 1.19 10.86
N ARG A 348 -16.21 1.91 11.64
CA ARG A 348 -16.39 1.93 13.09
C ARG A 348 -17.62 2.72 13.52
N ARG A 349 -17.73 3.96 13.07
CA ARG A 349 -18.86 4.81 13.41
C ARG A 349 -19.25 5.69 12.22
N SER A 350 -20.55 5.86 12.03
CA SER A 350 -21.06 6.65 10.90
C SER A 350 -20.54 8.08 10.89
N ASP A 351 -20.20 8.62 12.05
CA ASP A 351 -19.67 9.98 12.14
C ASP A 351 -18.19 10.02 12.46
N GLU A 352 -17.49 8.93 12.17
CA GLU A 352 -16.06 8.86 12.41
C GLU A 352 -15.27 8.51 11.16
N ASP A 353 -15.58 7.36 10.56
CA ASP A 353 -14.86 6.91 9.37
C ASP A 353 -15.69 6.25 8.29
N TYR A 354 -16.84 6.83 7.96
CA TYR A 354 -17.70 6.30 6.91
C TYR A 354 -17.17 6.88 5.59
N LEU A 355 -16.32 6.11 4.92
CA LEU A 355 -15.71 6.54 3.68
C LEU A 355 -16.71 6.70 2.53
N TYR A 356 -16.57 7.81 1.79
CA TYR A 356 -17.42 8.10 0.65
C TYR A 356 -18.89 8.08 1.01
N ARG A 357 -19.21 8.47 2.24
CA ARG A 357 -20.60 8.47 2.68
C ARG A 357 -21.48 9.26 1.72
N GLU A 358 -21.03 10.45 1.33
CA GLU A 358 -21.79 11.30 0.42
C GLU A 358 -21.99 10.65 -0.95
N GLU A 359 -20.89 10.23 -1.55
CA GLU A 359 -20.94 9.61 -2.87
C GLU A 359 -21.81 8.35 -2.89
N LEU A 360 -21.64 7.50 -1.89
CA LEU A 360 -22.41 6.28 -1.82
C LEU A 360 -23.91 6.55 -1.64
N ALA A 361 -24.24 7.56 -0.83
CA ALA A 361 -25.64 7.92 -0.61
C ALA A 361 -26.24 8.35 -1.94
N GLN A 362 -25.51 9.15 -2.70
CA GLN A 362 -25.99 9.62 -3.99
C GLN A 362 -26.20 8.47 -4.98
N PHE A 363 -25.23 7.55 -5.04
CA PHE A 363 -25.35 6.40 -5.94
C PHE A 363 -26.57 5.58 -5.58
N HIS A 364 -26.86 5.47 -4.29
CA HIS A 364 -28.01 4.71 -3.83
C HIS A 364 -29.30 5.43 -4.22
N ARG A 365 -29.34 6.73 -3.95
CA ARG A 365 -30.51 7.55 -4.27
C ARG A 365 -30.83 7.51 -5.76
N ASP A 366 -29.78 7.50 -6.60
CA ASP A 366 -29.98 7.47 -8.04
C ASP A 366 -30.28 6.08 -8.60
N GLY A 367 -30.14 5.05 -7.78
CA GLY A 367 -30.42 3.70 -8.23
C GLY A 367 -29.21 2.94 -8.76
N ALA A 368 -28.05 3.59 -8.80
CA ALA A 368 -26.83 2.94 -9.28
C ALA A 368 -26.47 1.82 -8.31
N LEU A 369 -26.62 2.10 -7.02
CA LEU A 369 -26.35 1.13 -5.97
C LEU A 369 -27.71 0.61 -5.54
N THR A 370 -28.02 -0.64 -5.88
CA THR A 370 -29.31 -1.23 -5.53
C THR A 370 -29.49 -1.29 -4.03
N GLN A 371 -28.45 -1.72 -3.32
CA GLN A 371 -28.48 -1.80 -1.87
C GLN A 371 -27.17 -1.29 -1.30
N LEU A 372 -27.29 -0.53 -0.22
CA LEU A 372 -26.14 0.01 0.49
C LEU A 372 -26.28 -0.47 1.92
N ASN A 373 -25.62 -1.58 2.23
CA ASN A 373 -25.70 -2.18 3.55
C ASN A 373 -24.41 -1.91 4.30
N VAL A 374 -24.52 -1.12 5.37
CA VAL A 374 -23.36 -0.72 6.15
C VAL A 374 -23.36 -1.20 7.59
N ALA A 375 -22.28 -1.86 7.98
CA ALA A 375 -22.11 -2.38 9.33
C ALA A 375 -21.26 -1.41 10.15
N PHE A 376 -21.87 -0.79 11.15
CA PHE A 376 -21.15 0.13 12.03
C PHE A 376 -20.70 -0.71 13.22
N SER A 377 -19.44 -1.12 13.19
CA SER A 377 -18.89 -1.99 14.23
C SER A 377 -18.79 -1.47 15.66
N ARG A 378 -18.77 -0.16 15.86
CA ARG A 378 -18.64 0.36 17.21
C ARG A 378 -19.75 1.28 17.69
N GLU A 379 -20.91 1.21 17.04
CA GLU A 379 -22.04 2.05 17.44
C GLU A 379 -22.91 1.40 18.51
N GLN A 380 -22.50 0.21 18.93
CA GLN A 380 -23.20 -0.52 19.98
C GLN A 380 -22.12 -1.23 20.78
N SER A 381 -22.49 -1.85 21.89
CA SER A 381 -21.52 -2.53 22.73
C SER A 381 -20.78 -3.67 22.03
N HIS A 382 -21.52 -4.45 21.26
CA HIS A 382 -20.97 -5.59 20.53
C HIS A 382 -20.57 -5.22 19.10
N LYS A 383 -19.90 -6.16 18.43
CA LYS A 383 -19.46 -5.95 17.06
C LYS A 383 -20.54 -6.30 16.04
N VAL A 384 -20.66 -5.46 15.03
CA VAL A 384 -21.58 -5.67 13.92
C VAL A 384 -20.68 -5.53 12.70
N TYR A 385 -20.52 -6.62 11.97
CA TYR A 385 -19.66 -6.68 10.79
C TYR A 385 -20.43 -6.99 9.51
N VAL A 386 -19.79 -6.82 8.36
CA VAL A 386 -20.44 -7.09 7.08
C VAL A 386 -21.03 -8.49 6.98
N GLN A 387 -20.37 -9.50 7.55
CA GLN A 387 -20.89 -10.86 7.47
C GLN A 387 -22.21 -11.02 8.23
N HIS A 388 -22.44 -10.19 9.24
CA HIS A 388 -23.70 -10.27 9.97
C HIS A 388 -24.81 -9.82 9.06
N LEU A 389 -24.54 -8.79 8.25
CA LEU A 389 -25.53 -8.27 7.33
C LEU A 389 -25.74 -9.24 6.17
N LEU A 390 -24.68 -9.91 5.75
CA LEU A 390 -24.77 -10.88 4.68
C LEU A 390 -25.70 -12.01 5.10
N LYS A 391 -25.49 -12.54 6.31
CA LYS A 391 -26.31 -13.63 6.80
C LYS A 391 -27.78 -13.22 6.92
N GLN A 392 -28.02 -12.00 7.36
CA GLN A 392 -29.40 -11.52 7.51
C GLN A 392 -30.05 -11.32 6.14
N ASP A 393 -29.23 -11.26 5.09
CA ASP A 393 -29.73 -11.10 3.72
C ASP A 393 -29.56 -12.41 2.96
N ARG A 394 -29.39 -13.50 3.70
CA ARG A 394 -29.17 -14.82 3.11
C ARG A 394 -30.12 -15.21 1.97
N GLU A 395 -31.40 -14.93 2.13
CA GLU A 395 -32.38 -15.29 1.10
C GLU A 395 -32.11 -14.64 -0.25
N HIS A 396 -32.01 -13.32 -0.26
CA HIS A 396 -31.78 -12.61 -1.51
C HIS A 396 -30.41 -12.94 -2.10
N LEU A 397 -29.39 -13.04 -1.25
CA LEU A 397 -28.07 -13.36 -1.74
C LEU A 397 -28.03 -14.71 -2.44
N TRP A 398 -28.72 -15.71 -1.88
CA TRP A 398 -28.76 -17.03 -2.49
C TRP A 398 -29.42 -16.93 -3.86
N LYS A 399 -30.51 -16.18 -3.92
CA LYS A 399 -31.24 -15.98 -5.17
C LYS A 399 -30.29 -15.39 -6.21
N LEU A 400 -29.54 -14.37 -5.82
CA LEU A 400 -28.60 -13.73 -6.72
C LEU A 400 -27.48 -14.66 -7.17
N ILE A 401 -26.92 -15.41 -6.23
CA ILE A 401 -25.84 -16.34 -6.55
C ILE A 401 -26.32 -17.43 -7.51
N GLU A 402 -27.48 -18.00 -7.23
CA GLU A 402 -28.03 -19.03 -8.10
C GLU A 402 -28.28 -18.44 -9.48
N GLY A 403 -28.58 -17.15 -9.52
CA GLY A 403 -28.85 -16.47 -10.78
C GLY A 403 -27.61 -16.11 -11.58
N GLY A 404 -26.42 -16.38 -11.04
CA GLY A 404 -25.20 -16.07 -11.76
C GLY A 404 -24.43 -14.84 -11.31
N ALA A 405 -24.80 -14.28 -10.15
CA ALA A 405 -24.13 -13.09 -9.65
C ALA A 405 -22.65 -13.33 -9.35
N HIS A 406 -21.87 -12.26 -9.41
CA HIS A 406 -20.45 -12.31 -9.11
C HIS A 406 -20.25 -11.74 -7.71
N ILE A 407 -19.42 -12.42 -6.91
CA ILE A 407 -19.12 -11.98 -5.55
C ILE A 407 -17.70 -11.44 -5.53
N TYR A 408 -17.50 -10.34 -4.81
CA TYR A 408 -16.18 -9.73 -4.69
C TYR A 408 -15.92 -9.40 -3.24
N VAL A 409 -14.72 -9.73 -2.76
CA VAL A 409 -14.35 -9.43 -1.39
C VAL A 409 -13.01 -8.70 -1.41
N CYS A 410 -12.96 -7.55 -0.74
CA CYS A 410 -11.74 -6.76 -0.70
C CYS A 410 -11.48 -6.22 0.70
N GLY A 411 -10.20 -6.19 1.08
CA GLY A 411 -9.85 -5.67 2.39
C GLY A 411 -8.92 -6.58 3.17
N ASP A 412 -9.17 -6.65 4.48
CA ASP A 412 -8.38 -7.46 5.39
C ASP A 412 -8.37 -8.95 5.04
N ALA A 413 -7.19 -9.50 4.85
CA ALA A 413 -7.04 -10.91 4.51
C ALA A 413 -6.78 -11.77 5.75
N ARG A 414 -6.48 -11.12 6.87
CA ARG A 414 -6.18 -11.84 8.11
C ARG A 414 -7.39 -12.53 8.74
N ASN A 415 -8.52 -11.83 8.78
CA ASN A 415 -9.72 -12.41 9.38
C ASN A 415 -11.00 -12.15 8.60
N MET A 416 -11.18 -10.92 8.14
CA MET A 416 -12.39 -10.55 7.41
C MET A 416 -12.66 -11.46 6.21
N ALA A 417 -11.68 -11.61 5.33
CA ALA A 417 -11.85 -12.44 4.15
C ALA A 417 -12.32 -13.85 4.48
N ARG A 418 -11.68 -14.47 5.47
CA ARG A 418 -12.03 -15.83 5.87
C ARG A 418 -13.42 -15.88 6.50
N ASP A 419 -13.73 -14.90 7.35
CA ASP A 419 -15.04 -14.85 8.00
C ASP A 419 -16.14 -14.70 6.96
N VAL A 420 -15.91 -13.86 5.97
CA VAL A 420 -16.89 -13.64 4.91
C VAL A 420 -17.06 -14.90 4.08
N GLN A 421 -15.95 -15.56 3.75
CA GLN A 421 -16.03 -16.78 2.95
C GLN A 421 -16.84 -17.84 3.70
N ASN A 422 -16.59 -17.98 5.00
CA ASN A 422 -17.32 -18.96 5.79
C ASN A 422 -18.80 -18.63 5.85
N THR A 423 -19.14 -17.34 5.80
CA THR A 423 -20.53 -16.92 5.83
C THR A 423 -21.22 -17.33 4.53
N PHE A 424 -20.52 -17.20 3.41
CA PHE A 424 -21.10 -17.61 2.14
C PHE A 424 -21.26 -19.13 2.13
N TYR A 425 -20.36 -19.84 2.81
CA TYR A 425 -20.43 -21.29 2.90
C TYR A 425 -21.75 -21.64 3.55
N ASP A 426 -22.01 -21.03 4.70
CA ASP A 426 -23.23 -21.27 5.46
C ASP A 426 -24.49 -20.92 4.67
N ILE A 427 -24.46 -19.79 3.98
CA ILE A 427 -25.62 -19.37 3.19
C ILE A 427 -25.94 -20.43 2.15
N VAL A 428 -24.93 -20.86 1.41
CA VAL A 428 -25.12 -21.89 0.38
C VAL A 428 -25.54 -23.22 0.97
N ALA A 429 -24.94 -23.60 2.08
CA ALA A 429 -25.26 -24.86 2.73
C ALA A 429 -26.72 -24.87 3.19
N GLU A 430 -27.14 -23.79 3.83
CA GLU A 430 -28.51 -23.69 4.33
C GLU A 430 -29.56 -23.58 3.22
N LEU A 431 -29.54 -22.46 2.50
CA LEU A 431 -30.51 -22.23 1.44
C LEU A 431 -30.33 -23.15 0.23
N GLY A 432 -29.12 -23.71 0.09
CA GLY A 432 -28.86 -24.61 -1.01
C GLY A 432 -29.23 -26.03 -0.63
N ALA A 433 -29.64 -26.20 0.62
CA ALA A 433 -30.04 -27.51 1.14
C ALA A 433 -28.98 -28.57 0.85
N MET A 434 -27.73 -28.25 1.17
CA MET A 434 -26.63 -29.19 0.95
C MET A 434 -25.71 -29.24 2.16
N GLU A 435 -24.82 -30.22 2.18
CA GLU A 435 -23.88 -30.36 3.28
C GLU A 435 -22.74 -29.35 3.17
N HIS A 436 -22.12 -29.03 4.29
CA HIS A 436 -21.02 -28.06 4.32
C HIS A 436 -20.00 -28.36 3.24
N ALA A 437 -19.62 -29.63 3.12
CA ALA A 437 -18.65 -30.06 2.13
C ALA A 437 -19.08 -29.67 0.73
N GLN A 438 -20.35 -29.91 0.41
CA GLN A 438 -20.88 -29.57 -0.91
C GLN A 438 -20.91 -28.06 -1.11
N ALA A 439 -21.12 -27.33 -0.01
CA ALA A 439 -21.17 -25.88 -0.06
C ALA A 439 -19.78 -25.33 -0.36
N VAL A 440 -18.77 -25.97 0.23
CA VAL A 440 -17.39 -25.55 0.02
C VAL A 440 -17.01 -25.76 -1.44
N ASP A 441 -17.43 -26.88 -2.00
CA ASP A 441 -17.15 -27.19 -3.40
C ASP A 441 -17.90 -26.24 -4.32
N TYR A 442 -19.10 -25.86 -3.89
CA TYR A 442 -19.94 -24.95 -4.66
C TYR A 442 -19.25 -23.59 -4.80
N ILE A 443 -18.77 -23.07 -3.68
CA ILE A 443 -18.08 -21.78 -3.67
C ILE A 443 -16.76 -21.90 -4.43
N LYS A 444 -16.03 -22.99 -4.20
CA LYS A 444 -14.75 -23.19 -4.87
C LYS A 444 -14.93 -23.22 -6.39
N LYS A 445 -16.07 -23.73 -6.85
CA LYS A 445 -16.32 -23.76 -8.28
C LYS A 445 -16.60 -22.35 -8.79
N LEU A 446 -17.24 -21.54 -7.94
CA LEU A 446 -17.53 -20.17 -8.32
C LEU A 446 -16.21 -19.46 -8.55
N MET A 447 -15.23 -19.73 -7.69
CA MET A 447 -13.92 -19.12 -7.80
C MET A 447 -13.23 -19.51 -9.10
N THR A 448 -13.34 -20.78 -9.47
CA THR A 448 -12.72 -21.27 -10.70
C THR A 448 -13.40 -20.65 -11.92
N LYS A 449 -14.70 -20.40 -11.81
CA LYS A 449 -15.47 -19.82 -12.90
C LYS A 449 -15.36 -18.29 -12.91
N GLY A 450 -14.58 -17.76 -11.98
CA GLY A 450 -14.39 -16.31 -11.92
C GLY A 450 -15.59 -15.55 -11.38
N ARG A 451 -16.39 -16.20 -10.55
CA ARG A 451 -17.58 -15.58 -9.98
C ARG A 451 -17.46 -15.26 -8.49
N TYR A 452 -16.28 -15.53 -7.93
CA TYR A 452 -15.99 -15.23 -6.53
C TYR A 452 -14.54 -14.77 -6.57
N SER A 453 -14.34 -13.46 -6.46
CA SER A 453 -13.01 -12.87 -6.55
C SER A 453 -12.57 -12.18 -5.27
N LEU A 454 -11.28 -12.26 -5.00
CA LEU A 454 -10.72 -11.64 -3.81
C LEU A 454 -9.59 -10.68 -4.13
N ASP A 455 -9.51 -9.61 -3.37
CA ASP A 455 -8.47 -8.60 -3.49
C ASP A 455 -8.21 -8.24 -2.03
N VAL A 456 -7.41 -9.07 -1.36
CA VAL A 456 -7.13 -8.85 0.05
C VAL A 456 -5.65 -8.61 0.34
N TRP A 457 -5.38 -7.92 1.43
CA TRP A 457 -4.02 -7.62 1.82
C TRP A 457 -3.88 -7.56 3.34
N SER A 458 -2.65 -7.54 3.82
CA SER A 458 -2.38 -7.49 5.25
C SER A 458 -1.69 -6.18 5.64
#